data_6GFI
#
_entry.id   6GFI
#
_cell.length_a   53.215
_cell.length_b   53.215
_cell.length_c   237.163
_cell.angle_alpha   90.00
_cell.angle_beta   90.00
_cell.angle_gamma   120.00
#
_symmetry.space_group_name_H-M   'P 31'
#
loop_
_entity.id
_entity.type
_entity.pdbx_description
1 polymer 'PRSS3 protein'
2 polymer 'Amyloid-beta A4 protein'
3 non-polymer 1,2-ETHANEDIOL
4 water water
#
loop_
_entity_poly.entity_id
_entity_poly.type
_entity_poly.pdbx_seq_one_letter_code
_entity_poly.pdbx_strand_id
1 'polypeptide(L)'
;IVGGYTCEENSLPYQVSLNSGSHFCGGSLISEQWVVSAAHCYKTRIQVRLGEHNIKVLEGNEQFINAAKIIRHPKYNRDT
LDNDIMLIKLSSPAVINARVSTISLPTAPPAAGTECLISGWGNTLSFGADYPDELKCLDAPVLTQAECKASYPGKITNSM
FCVGFLEGGKDSCQRDAGGPVVCNGQLQGVVSWGHGCAWKNRPGVYTKVYNYVDWIKDTIAANS
;
A,B
2 'polypeptide(L)'
;YVDYKDDDDKEVEVCSEQAEVGPCRARFSRWYFDVTEGKCAPFVYGGCGGNRNNFDTEEYCMAVCGSAIPRHHHHHHAAA
N
;
E,C
#
loop_
_chem_comp.id
_chem_comp.type
_chem_comp.name
_chem_comp.formula
EDO non-polymer 1,2-ETHANEDIOL 'C2 H6 O2'
#
# COMPACT_ATOMS: atom_id res chain seq x y z
N ILE A 1 -19.13 11.37 -9.78
CA ILE A 1 -17.82 11.67 -10.36
C ILE A 1 -17.93 12.71 -11.46
N VAL A 2 -17.29 13.86 -11.26
CA VAL A 2 -17.30 14.95 -12.23
C VAL A 2 -15.95 15.00 -12.96
N GLY A 3 -16.01 15.06 -14.28
CA GLY A 3 -14.79 15.08 -15.06
C GLY A 3 -14.14 13.73 -15.24
N GLY A 4 -14.64 12.71 -14.55
CA GLY A 4 -14.07 11.38 -14.60
C GLY A 4 -14.41 10.67 -15.88
N TYR A 5 -14.44 9.34 -15.80
CA TYR A 5 -14.66 8.50 -16.97
C TYR A 5 -15.41 7.25 -16.51
N THR A 6 -15.97 6.52 -17.47
CA THR A 6 -16.70 5.31 -17.11
C THR A 6 -15.75 4.16 -16.85
N CYS A 7 -15.87 3.55 -15.67
CA CYS A 7 -15.10 2.37 -15.38
C CYS A 7 -15.45 1.25 -16.37
N GLU A 8 -14.52 0.35 -16.58
CA GLU A 8 -14.82 -0.88 -17.28
C GLU A 8 -15.52 -1.86 -16.33
N GLU A 9 -16.50 -2.63 -16.85
CA GLU A 9 -17.18 -3.65 -16.05
C GLU A 9 -16.16 -4.45 -15.24
N ASN A 10 -16.50 -4.74 -13.98
CA ASN A 10 -15.74 -5.70 -13.17
C ASN A 10 -14.49 -5.08 -12.55
N SER A 11 -13.98 -3.98 -13.10
CA SER A 11 -12.67 -3.52 -12.63
C SER A 11 -12.68 -2.99 -11.20
N LEU A 12 -13.83 -2.73 -10.60
CA LEU A 12 -13.92 -2.38 -9.17
C LEU A 12 -14.84 -3.36 -8.45
N PRO A 13 -14.40 -4.58 -8.21
CA PRO A 13 -15.31 -5.58 -7.61
C PRO A 13 -15.70 -5.28 -6.17
N TYR A 14 -15.13 -4.25 -5.59
CA TYR A 14 -15.42 -3.83 -4.23
C TYR A 14 -16.41 -2.70 -4.17
N GLN A 15 -16.66 -2.03 -5.30
CA GLN A 15 -17.55 -0.88 -5.29
C GLN A 15 -18.97 -1.38 -5.11
N VAL A 16 -19.63 -0.81 -4.12
CA VAL A 16 -20.93 -1.25 -3.63
C VAL A 16 -21.80 -0.02 -3.44
N SER A 17 -23.13 -0.18 -3.61
CA SER A 17 -24.06 0.92 -3.39
C SER A 17 -25.06 0.58 -2.30
N LEU A 18 -25.53 1.64 -1.63
CA LEU A 18 -26.51 1.56 -0.57
C LEU A 18 -27.87 2.03 -1.09
N ASN A 19 -28.96 1.38 -0.66
CA ASN A 19 -30.29 1.75 -1.15
C ASN A 19 -31.38 1.65 -0.07
N SER A 20 -32.37 2.53 -0.21
CA SER A 20 -33.69 2.49 0.46
C SER A 20 -34.68 3.12 -0.53
N GLY A 21 -35.18 2.29 -1.46
CA GLY A 21 -35.87 2.86 -2.59
C GLY A 21 -34.94 3.26 -3.72
N SER A 22 -34.11 4.28 -3.47
CA SER A 22 -33.21 4.80 -4.47
C SER A 22 -31.76 4.69 -3.99
N HIS A 23 -30.84 4.86 -4.94
CA HIS A 23 -29.39 4.87 -4.68
C HIS A 23 -29.04 6.17 -3.94
N PHE A 24 -28.64 6.09 -2.68
CA PHE A 24 -28.26 7.31 -1.98
C PHE A 24 -26.77 7.40 -1.61
N CYS A 25 -26.02 6.30 -1.63
CA CYS A 25 -24.59 6.36 -1.29
C CYS A 25 -23.85 5.19 -1.92
N GLY A 26 -22.52 5.28 -1.85
CA GLY A 26 -21.64 4.21 -2.27
C GLY A 26 -21.09 3.49 -1.04
N GLY A 27 -20.32 2.44 -1.31
CA GLY A 27 -19.67 1.72 -0.23
C GLY A 27 -18.47 0.90 -0.65
N SER A 28 -17.83 0.28 0.34
CA SER A 28 -16.69 -0.58 0.05
C SER A 28 -16.84 -1.93 0.75
N LEU A 29 -16.81 -3.00 -0.03
CA LEU A 29 -16.86 -4.35 0.52
C LEU A 29 -15.47 -4.65 1.08
N ILE A 30 -15.37 -4.75 2.41
CA ILE A 30 -14.09 -4.99 3.09
C ILE A 30 -13.98 -6.41 3.65
N SER A 31 -15.08 -7.10 3.87
CA SER A 31 -15.04 -8.50 4.28
C SER A 31 -16.34 -9.16 3.84
N GLU A 32 -16.32 -10.49 3.79
CA GLU A 32 -17.48 -11.21 3.25
C GLU A 32 -18.81 -10.65 3.76
N GLN A 33 -18.86 -10.24 5.03
CA GLN A 33 -20.09 -9.71 5.65
C GLN A 33 -20.01 -8.23 6.03
N TRP A 34 -19.00 -7.50 5.59
CA TRP A 34 -18.83 -6.11 6.03
C TRP A 34 -18.60 -5.17 4.86
N VAL A 35 -19.11 -3.95 5.02
CA VAL A 35 -19.01 -2.85 4.08
C VAL A 35 -18.60 -1.61 4.88
N VAL A 36 -17.84 -0.73 4.24
CA VAL A 36 -17.41 0.54 4.84
C VAL A 36 -18.05 1.65 4.03
N SER A 37 -18.62 2.63 4.72
CA SER A 37 -19.20 3.82 4.08
C SER A 37 -18.99 5.01 5.02
N ALA A 38 -19.58 6.16 4.67
CA ALA A 38 -19.58 7.36 5.51
C ALA A 38 -20.76 7.36 6.46
N ALA A 39 -20.58 8.01 7.61
CA ALA A 39 -21.58 8.03 8.67
C ALA A 39 -22.77 8.93 8.35
N HIS A 40 -22.60 9.91 7.46
CA HIS A 40 -23.76 10.71 7.07
C HIS A 40 -24.66 10.00 6.04
N CYS A 41 -24.32 8.78 5.64
CA CYS A 41 -25.20 7.93 4.84
C CYS A 41 -26.07 7.03 5.69
N TYR A 42 -26.12 7.28 7.00
CA TYR A 42 -26.89 6.41 7.87
C TYR A 42 -28.36 6.51 7.53
N LYS A 43 -29.02 5.35 7.44
CA LYS A 43 -30.46 5.22 7.30
C LYS A 43 -30.83 3.97 8.08
N THR A 44 -31.94 4.05 8.83
CA THR A 44 -32.36 2.95 9.70
C THR A 44 -32.41 1.61 8.97
N ARG A 45 -32.68 1.63 7.67
CA ARG A 45 -32.94 0.43 6.89
C ARG A 45 -32.29 0.63 5.52
N ILE A 46 -31.26 -0.15 5.22
CA ILE A 46 -30.46 -0.01 4.01
C ILE A 46 -30.43 -1.36 3.31
N GLN A 47 -30.52 -1.34 1.99
CA GLN A 47 -30.28 -2.54 1.18
C GLN A 47 -28.98 -2.30 0.40
N VAL A 48 -28.01 -3.21 0.57
CA VAL A 48 -26.67 -3.06 -0.05
C VAL A 48 -26.71 -3.90 -1.31
N ARG A 49 -26.40 -3.28 -2.45
CA ARG A 49 -26.27 -3.99 -3.71
C ARG A 49 -24.78 -4.08 -4.06
N LEU A 50 -24.37 -5.20 -4.68
CA LEU A 50 -22.97 -5.50 -4.95
C LEU A 50 -22.82 -5.91 -6.41
N GLY A 51 -21.64 -5.68 -6.96
CA GLY A 51 -21.40 -6.12 -8.32
C GLY A 51 -22.15 -5.30 -9.35
N GLU A 52 -22.50 -4.07 -9.04
CA GLU A 52 -23.34 -3.35 -9.95
C GLU A 52 -22.46 -2.66 -10.99
N HIS A 53 -22.99 -2.54 -12.20
CA HIS A 53 -22.30 -1.65 -13.14
C HIS A 53 -23.27 -0.65 -13.77
N ASN A 54 -24.38 -1.09 -14.33
CA ASN A 54 -25.37 -0.13 -14.80
C ASN A 54 -26.56 -0.24 -13.85
N ILE A 55 -26.82 0.85 -13.11
CA ILE A 55 -27.76 0.77 -11.98
C ILE A 55 -29.17 0.42 -12.45
N LYS A 56 -29.59 0.92 -13.62
CA LYS A 56 -30.94 0.68 -14.12
C LYS A 56 -31.00 -0.30 -15.28
N VAL A 57 -29.88 -0.94 -15.66
CA VAL A 57 -29.87 -2.05 -16.60
C VAL A 57 -29.03 -3.17 -15.96
N LEU A 58 -29.69 -4.07 -15.25
CA LEU A 58 -29.01 -5.14 -14.55
C LEU A 58 -28.81 -6.35 -15.45
N GLU A 59 -27.84 -7.17 -15.08
CA GLU A 59 -27.72 -8.53 -15.60
C GLU A 59 -27.96 -9.49 -14.42
N GLY A 60 -27.83 -10.79 -14.67
CA GLY A 60 -28.17 -11.70 -13.60
C GLY A 60 -27.20 -11.74 -12.41
N ASN A 61 -25.99 -11.18 -12.55
CA ASN A 61 -24.91 -11.42 -11.59
C ASN A 61 -24.80 -10.44 -10.41
N GLU A 62 -25.70 -9.49 -10.23
CA GLU A 62 -25.53 -8.64 -9.04
C GLU A 62 -26.05 -9.38 -7.80
N GLN A 63 -25.94 -8.72 -6.64
CA GLN A 63 -26.28 -9.33 -5.35
C GLN A 63 -26.90 -8.26 -4.46
N PHE A 64 -28.14 -8.52 -4.02
CA PHE A 64 -28.93 -7.63 -3.18
C PHE A 64 -28.97 -8.19 -1.76
N ILE A 65 -28.44 -7.45 -0.78
CA ILE A 65 -28.41 -7.91 0.60
C ILE A 65 -28.82 -6.76 1.51
N ASN A 66 -29.84 -6.99 2.35
CA ASN A 66 -30.28 -5.98 3.31
C ASN A 66 -29.29 -5.91 4.46
N ALA A 67 -28.96 -4.69 4.87
CA ALA A 67 -28.13 -4.50 6.04
C ALA A 67 -28.85 -5.01 7.27
N ALA A 68 -28.16 -5.82 8.07
CA ALA A 68 -28.68 -6.36 9.32
C ALA A 68 -28.14 -5.63 10.54
N LYS A 69 -27.22 -4.68 10.34
CA LYS A 69 -26.68 -3.79 11.36
C LYS A 69 -25.96 -2.64 10.67
N ILE A 70 -26.11 -1.44 11.24
CA ILE A 70 -25.51 -0.24 10.71
C ILE A 70 -24.90 0.49 11.89
N ILE A 71 -23.58 0.49 11.99
CA ILE A 71 -22.87 1.07 13.12
C ILE A 71 -22.09 2.29 12.64
N ARG A 72 -22.43 3.45 13.21
CA ARG A 72 -21.74 4.69 12.93
C ARG A 72 -20.67 4.88 14.01
N HIS A 73 -19.63 5.62 13.66
CA HIS A 73 -18.54 5.81 14.59
C HIS A 73 -19.02 6.57 15.83
N PRO A 74 -18.81 6.02 17.03
CA PRO A 74 -19.22 6.69 18.28
C PRO A 74 -18.91 8.19 18.35
N LYS A 75 -17.79 8.61 17.76
CA LYS A 75 -17.36 9.99 17.80
C LYS A 75 -17.73 10.77 16.53
N TYR A 76 -18.77 10.33 15.82
CA TYR A 76 -19.25 11.09 14.67
C TYR A 76 -19.95 12.38 15.12
N ASN A 77 -19.66 13.49 14.46
CA ASN A 77 -20.21 14.80 14.82
C ASN A 77 -20.90 15.41 13.60
N ARG A 78 -22.21 15.62 13.72
CA ARG A 78 -23.01 16.00 12.54
C ARG A 78 -22.66 17.39 12.01
N ASP A 79 -22.21 18.30 12.87
CA ASP A 79 -21.96 19.66 12.41
C ASP A 79 -20.59 19.78 11.76
N THR A 80 -19.55 19.32 12.47
CA THR A 80 -18.18 19.42 11.97
C THR A 80 -17.81 18.30 11.02
N LEU A 81 -18.63 17.24 10.93
CA LEU A 81 -18.30 16.03 10.14
C LEU A 81 -17.02 15.35 10.61
N ASP A 82 -16.85 15.26 11.93
CA ASP A 82 -15.70 14.55 12.48
C ASP A 82 -15.97 13.05 12.51
N ASN A 83 -14.92 12.28 12.26
CA ASN A 83 -14.97 10.83 12.18
C ASN A 83 -16.16 10.35 11.34
N ASP A 84 -16.19 10.86 10.11
CA ASP A 84 -17.27 10.56 9.18
C ASP A 84 -16.98 9.21 8.52
N ILE A 85 -17.19 8.14 9.30
CA ILE A 85 -17.04 6.77 8.85
C ILE A 85 -18.09 5.90 9.58
N MET A 86 -18.45 4.78 8.95
CA MET A 86 -19.52 3.89 9.40
C MET A 86 -19.35 2.53 8.74
N LEU A 87 -19.86 1.48 9.40
CA LEU A 87 -19.86 0.12 8.86
C LEU A 87 -21.25 -0.49 8.78
N ILE A 88 -21.35 -1.48 7.88
CA ILE A 88 -22.61 -2.17 7.56
C ILE A 88 -22.34 -3.66 7.59
N LYS A 89 -23.16 -4.42 8.29
CA LYS A 89 -23.02 -5.88 8.32
C LYS A 89 -24.16 -6.49 7.52
N LEU A 90 -23.80 -7.31 6.52
CA LEU A 90 -24.79 -7.81 5.58
C LEU A 90 -25.48 -9.04 6.14
N SER A 91 -26.81 -9.11 5.95
CA SER A 91 -27.57 -10.20 6.55
C SER A 91 -27.13 -11.55 6.00
N SER A 92 -26.56 -11.58 4.80
CA SER A 92 -26.01 -12.81 4.24
C SER A 92 -24.62 -12.51 3.66
N PRO A 93 -23.63 -13.35 3.94
CA PRO A 93 -22.28 -13.08 3.41
C PRO A 93 -22.31 -13.03 1.89
N ALA A 94 -21.47 -12.16 1.33
CA ALA A 94 -21.41 -12.01 -0.12
C ALA A 94 -20.76 -13.25 -0.75
N VAL A 95 -21.20 -13.59 -1.96
CA VAL A 95 -20.50 -14.59 -2.76
C VAL A 95 -19.37 -13.88 -3.50
N ILE A 96 -18.15 -14.23 -3.18
CA ILE A 96 -17.00 -13.56 -3.76
C ILE A 96 -16.63 -14.27 -5.05
N ASN A 97 -16.43 -13.51 -6.12
CA ASN A 97 -16.12 -14.08 -7.43
C ASN A 97 -15.51 -12.96 -8.29
N ALA A 98 -15.52 -13.19 -9.62
CA ALA A 98 -14.88 -12.25 -10.54
C ALA A 98 -15.53 -10.86 -10.54
N ARG A 99 -16.79 -10.71 -10.10
CA ARG A 99 -17.47 -9.41 -10.15
C ARG A 99 -17.86 -8.82 -8.78
N VAL A 100 -17.71 -9.59 -7.70
CA VAL A 100 -17.89 -9.08 -6.34
C VAL A 100 -16.70 -9.56 -5.52
N SER A 101 -16.00 -8.63 -4.88
CA SER A 101 -14.78 -8.97 -4.16
C SER A 101 -14.37 -7.85 -3.19
N THR A 102 -13.45 -8.21 -2.28
CA THR A 102 -13.06 -7.37 -1.15
C THR A 102 -11.85 -6.49 -1.49
N ILE A 103 -11.63 -5.48 -0.63
CA ILE A 103 -10.48 -4.58 -0.72
C ILE A 103 -9.69 -4.65 0.57
N SER A 104 -8.36 -4.64 0.45
CA SER A 104 -7.50 -4.66 1.62
C SER A 104 -7.67 -3.39 2.43
N LEU A 105 -7.56 -3.53 3.75
CA LEU A 105 -7.53 -2.35 4.62
C LEU A 105 -6.18 -1.65 4.51
N PRO A 106 -6.13 -0.35 4.80
CA PRO A 106 -4.89 0.40 4.59
C PRO A 106 -3.85 0.08 5.65
N THR A 107 -2.64 -0.24 5.19
CA THR A 107 -1.55 -0.55 6.10
C THR A 107 -0.68 0.65 6.45
N ALA A 108 -0.92 1.81 5.83
CA ALA A 108 -0.19 3.03 6.12
C ALA A 108 -1.07 4.21 5.76
N PRO A 109 -0.82 5.38 6.37
CA PRO A 109 -1.63 6.56 6.04
C PRO A 109 -1.42 6.99 4.61
N PRO A 110 -2.24 7.91 4.08
CA PRO A 110 -2.13 8.27 2.66
C PRO A 110 -1.02 9.29 2.42
N ALA A 111 -0.05 8.92 1.60
CA ALA A 111 1.07 9.80 1.31
C ALA A 111 0.64 10.94 0.39
N ALA A 112 0.98 12.17 0.75
CA ALA A 112 0.56 13.31 -0.04
C ALA A 112 1.30 13.31 -1.37
N GLY A 113 0.54 13.39 -2.46
CA GLY A 113 1.04 13.27 -3.82
C GLY A 113 0.69 11.94 -4.48
N THR A 114 0.32 10.93 -3.69
CA THR A 114 -0.01 9.61 -4.21
C THR A 114 -1.30 9.63 -5.03
N GLU A 115 -1.29 8.92 -6.14
CA GLU A 115 -2.44 8.77 -7.01
C GLU A 115 -3.43 7.75 -6.45
N CYS A 116 -4.72 8.07 -6.55
CA CYS A 116 -5.76 7.20 -6.02
C CYS A 116 -6.89 7.08 -7.03
N LEU A 117 -7.67 6.01 -6.91
CA LEU A 117 -8.87 5.81 -7.71
C LEU A 117 -10.07 6.03 -6.81
N ILE A 118 -10.95 6.97 -7.21
CA ILE A 118 -12.21 7.29 -6.56
C ILE A 118 -13.35 6.97 -7.50
N SER A 119 -14.40 6.33 -6.99
CA SER A 119 -15.48 5.85 -7.85
C SER A 119 -16.85 6.11 -7.21
N GLY A 120 -17.90 5.83 -7.98
CA GLY A 120 -19.26 5.95 -7.49
C GLY A 120 -20.21 6.43 -8.57
N TRP A 121 -21.52 6.29 -8.29
CA TRP A 121 -22.54 6.67 -9.26
C TRP A 121 -23.06 8.08 -9.04
N GLY A 122 -22.20 8.97 -8.63
CA GLY A 122 -22.57 10.32 -8.32
C GLY A 122 -22.68 11.24 -9.52
N ASN A 123 -23.25 12.40 -9.24
CA ASN A 123 -23.56 13.41 -10.25
C ASN A 123 -22.31 13.80 -11.05
N THR A 124 -22.50 13.95 -12.36
CA THR A 124 -21.48 14.27 -13.35
C THR A 124 -21.29 15.78 -13.60
N LEU A 125 -22.22 16.64 -13.18
CA LEU A 125 -22.10 18.07 -13.46
C LEU A 125 -21.91 18.86 -12.18
N SER A 126 -21.18 19.97 -12.30
CA SER A 126 -20.97 20.95 -11.24
C SER A 126 -22.07 22.00 -11.22
N PHE A 127 -22.68 22.27 -12.37
CA PHE A 127 -23.82 23.16 -12.52
C PHE A 127 -24.99 22.31 -12.96
N GLY A 128 -25.99 22.19 -12.10
CA GLY A 128 -27.09 21.30 -12.39
C GLY A 128 -26.82 19.90 -11.88
N ALA A 129 -27.54 18.94 -12.47
CA ALA A 129 -27.47 17.57 -12.00
C ALA A 129 -27.65 16.63 -13.18
N ASP A 130 -26.82 15.58 -13.21
CA ASP A 130 -26.93 14.50 -14.18
C ASP A 130 -26.35 13.28 -13.47
N TYR A 131 -27.23 12.42 -12.96
CA TYR A 131 -26.78 11.24 -12.25
C TYR A 131 -26.67 10.06 -13.21
N PRO A 132 -25.46 9.54 -13.46
CA PRO A 132 -25.29 8.56 -14.54
C PRO A 132 -25.70 7.18 -14.08
N ASP A 133 -25.91 6.29 -15.06
CA ASP A 133 -26.22 4.91 -14.71
C ASP A 133 -24.98 4.02 -14.69
N GLU A 134 -23.98 4.31 -15.53
CA GLU A 134 -22.80 3.47 -15.58
C GLU A 134 -21.75 3.98 -14.58
N LEU A 135 -21.17 3.06 -13.81
CA LEU A 135 -20.19 3.41 -12.77
C LEU A 135 -19.05 4.22 -13.36
N LYS A 136 -18.69 5.31 -12.68
CA LYS A 136 -17.66 6.25 -13.10
C LYS A 136 -16.41 6.18 -12.22
N CYS A 137 -15.29 6.65 -12.79
CA CYS A 137 -13.95 6.51 -12.21
C CYS A 137 -13.20 7.83 -12.31
N LEU A 138 -12.35 8.12 -11.31
CA LEU A 138 -11.51 9.31 -11.41
C LEU A 138 -10.13 9.07 -10.80
N ASP A 139 -9.08 9.47 -11.52
CA ASP A 139 -7.71 9.32 -11.07
C ASP A 139 -7.25 10.67 -10.55
N ALA A 140 -6.88 10.73 -9.27
CA ALA A 140 -6.61 12.00 -8.63
C ALA A 140 -5.48 11.82 -7.61
N PRO A 141 -4.67 12.86 -7.37
CA PRO A 141 -3.61 12.73 -6.39
C PRO A 141 -4.07 13.17 -5.00
N VAL A 142 -3.49 12.53 -3.98
CA VAL A 142 -3.57 13.06 -2.64
C VAL A 142 -2.88 14.41 -2.63
N LEU A 143 -3.41 15.33 -1.85
CA LEU A 143 -2.81 16.65 -1.72
C LEU A 143 -2.31 16.85 -0.31
N THR A 144 -1.42 17.82 -0.17
CA THR A 144 -0.78 18.02 1.11
C THR A 144 -1.83 18.57 2.08
N GLN A 145 -1.92 17.96 3.24
CA GLN A 145 -2.90 18.33 4.23
C GLN A 145 -2.65 19.73 4.81
N ALA A 146 -1.70 20.45 4.22
CA ALA A 146 -1.54 21.88 4.39
C ALA A 146 -2.34 22.69 3.36
N GLU A 147 -2.45 22.22 2.11
CA GLU A 147 -3.33 22.86 1.14
C GLU A 147 -4.79 22.53 1.42
N CYS A 148 -5.03 21.35 1.99
CA CYS A 148 -6.37 20.94 2.34
C CYS A 148 -6.97 21.90 3.37
N LYS A 149 -6.20 22.30 4.40
CA LYS A 149 -6.73 23.21 5.41
C LYS A 149 -6.65 24.66 4.93
N ALA A 150 -5.83 24.93 3.91
CA ALA A 150 -5.86 26.23 3.24
C ALA A 150 -7.17 26.39 2.47
N SER A 151 -7.65 25.33 1.84
CA SER A 151 -8.91 25.36 1.08
C SER A 151 -10.11 25.56 2.00
N TYR A 152 -10.08 24.94 3.19
CA TYR A 152 -11.20 24.93 4.12
C TYR A 152 -10.75 25.35 5.51
N PRO A 153 -10.43 26.63 5.72
CA PRO A 153 -9.77 27.04 6.98
C PRO A 153 -10.56 26.63 8.21
N GLY A 154 -9.84 26.11 9.20
CA GLY A 154 -10.44 25.77 10.47
C GLY A 154 -11.39 24.59 10.46
N LYS A 155 -11.56 23.91 9.34
CA LYS A 155 -12.53 22.82 9.26
C LYS A 155 -11.93 21.45 9.00
N ILE A 156 -10.61 21.30 8.91
CA ILE A 156 -10.01 19.98 8.88
C ILE A 156 -9.76 19.46 10.29
N THR A 157 -9.99 18.17 10.45
CA THR A 157 -9.73 17.48 11.70
C THR A 157 -8.78 16.31 11.41
N ASN A 158 -8.32 15.65 12.47
CA ASN A 158 -7.38 14.54 12.31
C ASN A 158 -7.95 13.40 11.46
N SER A 159 -9.23 13.43 11.09
CA SER A 159 -9.83 12.34 10.34
C SER A 159 -9.90 12.58 8.84
N MET A 160 -9.56 13.77 8.36
CA MET A 160 -9.84 14.14 6.98
C MET A 160 -8.59 14.48 6.20
N PHE A 161 -8.66 14.23 4.89
CA PHE A 161 -7.63 14.63 3.93
C PHE A 161 -8.29 14.86 2.58
N CYS A 162 -7.59 15.62 1.74
CA CYS A 162 -8.11 16.04 0.44
C CYS A 162 -7.48 15.29 -0.72
N VAL A 163 -8.32 14.97 -1.69
CA VAL A 163 -7.95 14.35 -2.95
C VAL A 163 -8.61 15.15 -4.05
N GLY A 164 -7.90 15.35 -5.16
CA GLY A 164 -8.49 15.99 -6.29
C GLY A 164 -7.56 17.01 -6.89
N PHE A 165 -8.14 17.92 -7.66
CA PHE A 165 -7.42 18.98 -8.34
C PHE A 165 -7.87 20.31 -7.75
N LEU A 166 -6.89 21.14 -7.38
CA LEU A 166 -7.19 22.48 -6.87
C LEU A 166 -7.64 23.41 -7.98
N GLU A 167 -7.30 23.09 -9.23
CA GLU A 167 -7.82 23.86 -10.35
C GLU A 167 -9.33 23.74 -10.44
N GLY A 168 -9.87 22.57 -10.09
CA GLY A 168 -11.27 22.29 -10.26
C GLY A 168 -11.52 21.47 -11.52
N GLY A 169 -12.80 21.16 -11.71
CA GLY A 169 -13.25 20.40 -12.85
C GLY A 169 -13.28 18.90 -12.64
N LYS A 170 -12.65 18.38 -11.59
CA LYS A 170 -12.63 16.93 -11.35
C LYS A 170 -12.84 16.68 -9.87
N ASP A 171 -13.83 15.84 -9.53
CA ASP A 171 -14.14 15.56 -8.13
C ASP A 171 -15.21 14.47 -8.04
N SER A 172 -15.47 14.03 -6.81
N SER A 172 -15.47 14.03 -6.81
CA SER A 172 -16.68 13.28 -6.52
CA SER A 172 -16.65 13.24 -6.49
C SER A 172 -17.84 14.24 -6.30
C SER A 172 -17.82 14.18 -6.14
N CYS A 173 -19.06 13.70 -6.31
CA CYS A 173 -20.26 14.53 -6.19
C CYS A 173 -21.35 13.79 -5.41
N GLN A 174 -22.52 14.43 -5.30
CA GLN A 174 -23.62 13.86 -4.53
C GLN A 174 -24.00 12.49 -5.10
N ARG A 175 -24.14 11.53 -4.20
CA ARG A 175 -24.27 10.07 -4.39
C ARG A 175 -22.91 9.37 -4.38
N ASP A 176 -21.79 10.09 -4.56
CA ASP A 176 -20.52 9.38 -4.42
C ASP A 176 -20.22 9.08 -2.94
N ALA A 177 -20.73 9.92 -2.03
CA ALA A 177 -20.41 9.84 -0.62
C ALA A 177 -20.46 8.40 -0.11
N GLY A 178 -19.49 8.07 0.74
CA GLY A 178 -19.33 6.74 1.26
C GLY A 178 -18.57 5.82 0.34
N GLY A 179 -18.39 6.21 -0.91
CA GLY A 179 -17.66 5.40 -1.86
C GLY A 179 -16.16 5.40 -1.62
N PRO A 180 -15.45 4.49 -2.27
CA PRO A 180 -14.03 4.28 -1.97
C PRO A 180 -13.08 5.21 -2.68
N VAL A 181 -11.97 5.50 -2.00
CA VAL A 181 -10.77 5.98 -2.67
C VAL A 181 -9.69 4.94 -2.40
N VAL A 182 -9.12 4.36 -3.46
CA VAL A 182 -8.20 3.25 -3.33
C VAL A 182 -6.86 3.67 -3.91
N CYS A 183 -5.80 3.58 -3.09
CA CYS A 183 -4.46 4.02 -3.45
C CYS A 183 -3.50 2.86 -3.29
N ASN A 184 -2.78 2.54 -4.37
CA ASN A 184 -1.81 1.43 -4.41
C ASN A 184 -2.44 0.16 -3.82
N GLY A 185 -3.66 -0.13 -4.26
CA GLY A 185 -4.33 -1.38 -3.98
C GLY A 185 -4.91 -1.55 -2.59
N GLN A 186 -5.04 -0.50 -1.78
CA GLN A 186 -5.77 -0.62 -0.53
C GLN A 186 -6.65 0.62 -0.32
N LEU A 187 -7.56 0.51 0.63
CA LEU A 187 -8.63 1.49 0.78
C LEU A 187 -8.14 2.58 1.73
N GLN A 188 -7.92 3.78 1.20
CA GLN A 188 -7.35 4.89 1.96
C GLN A 188 -8.37 5.92 2.43
N GLY A 189 -9.60 5.91 1.91
CA GLY A 189 -10.53 6.93 2.33
C GLY A 189 -11.95 6.69 1.89
N VAL A 190 -12.86 7.39 2.56
CA VAL A 190 -14.27 7.34 2.23
C VAL A 190 -14.66 8.74 1.84
N VAL A 191 -15.29 8.88 0.67
CA VAL A 191 -15.74 10.20 0.25
C VAL A 191 -16.73 10.74 1.28
N SER A 192 -16.55 12.02 1.63
CA SER A 192 -17.32 12.65 2.69
C SER A 192 -17.98 13.93 2.19
N TRP A 193 -17.24 15.03 2.08
CA TRP A 193 -17.89 16.31 1.81
C TRP A 193 -17.04 17.18 0.91
N GLY A 194 -17.54 18.39 0.66
CA GLY A 194 -16.92 19.33 -0.23
C GLY A 194 -17.85 20.49 -0.47
N HIS A 195 -17.28 21.68 -0.63
CA HIS A 195 -18.05 22.87 -0.98
C HIS A 195 -18.25 22.86 -2.49
N GLY A 196 -19.44 22.43 -2.93
CA GLY A 196 -19.72 22.29 -4.34
C GLY A 196 -19.15 20.99 -4.87
N CYS A 197 -19.20 20.84 -6.19
CA CYS A 197 -18.60 19.70 -6.87
C CYS A 197 -17.57 20.19 -7.86
N ALA A 198 -16.30 19.85 -7.62
CA ALA A 198 -15.21 20.15 -8.53
C ALA A 198 -15.14 21.64 -8.84
N TRP A 199 -15.28 22.46 -7.80
CA TRP A 199 -15.11 23.89 -7.99
C TRP A 199 -13.65 24.26 -7.83
N LYS A 200 -13.34 25.48 -8.25
CA LYS A 200 -11.99 25.97 -8.12
C LYS A 200 -11.66 26.12 -6.64
N ASN A 201 -10.50 25.59 -6.26
CA ASN A 201 -9.93 25.66 -4.91
C ASN A 201 -10.80 24.99 -3.85
N ARG A 202 -11.65 24.04 -4.24
CA ARG A 202 -12.49 23.29 -3.32
C ARG A 202 -12.53 21.83 -3.76
N PRO A 203 -11.49 21.06 -3.41
CA PRO A 203 -11.46 19.64 -3.75
C PRO A 203 -12.23 18.81 -2.72
N GLY A 204 -12.51 17.56 -3.09
CA GLY A 204 -13.26 16.69 -2.20
C GLY A 204 -12.52 16.37 -0.91
N VAL A 205 -13.25 16.37 0.20
CA VAL A 205 -12.72 15.95 1.50
C VAL A 205 -13.17 14.53 1.78
N TYR A 206 -12.23 13.69 2.20
CA TYR A 206 -12.44 12.27 2.41
C TYR A 206 -12.01 11.89 3.82
N THR A 207 -12.45 10.73 4.27
CA THR A 207 -12.28 10.29 5.65
C THR A 207 -11.10 9.31 5.76
N LYS A 208 -10.13 9.62 6.64
CA LYS A 208 -8.89 8.84 6.75
C LYS A 208 -9.15 7.45 7.31
N VAL A 209 -9.38 6.46 6.46
CA VAL A 209 -9.69 5.14 6.97
C VAL A 209 -8.53 4.57 7.79
N TYR A 210 -7.27 4.94 7.50
CA TYR A 210 -6.16 4.34 8.25
C TYR A 210 -6.31 4.56 9.74
N ASN A 211 -6.85 5.70 10.15
CA ASN A 211 -7.08 6.04 11.56
C ASN A 211 -8.14 5.16 12.21
N TYR A 212 -8.79 4.25 11.46
CA TYR A 212 -9.88 3.45 11.99
C TYR A 212 -9.66 1.95 11.83
N VAL A 213 -8.45 1.47 11.49
CA VAL A 213 -8.29 0.03 11.31
C VAL A 213 -8.43 -0.69 12.65
N ASP A 214 -8.09 -0.02 13.75
CA ASP A 214 -8.30 -0.61 15.07
C ASP A 214 -9.78 -0.68 15.42
N TRP A 215 -10.50 0.44 15.30
CA TRP A 215 -11.93 0.44 15.63
C TRP A 215 -12.72 -0.46 14.69
N ILE A 216 -12.39 -0.48 13.40
CA ILE A 216 -13.12 -1.32 12.45
C ILE A 216 -12.92 -2.78 12.82
N LYS A 217 -11.79 -3.11 13.43
CA LYS A 217 -11.51 -4.50 13.74
C LYS A 217 -12.19 -4.93 15.05
N ASP A 218 -12.27 -4.03 16.02
CA ASP A 218 -12.99 -4.36 17.26
C ASP A 218 -14.50 -4.48 16.99
N THR A 219 -15.03 -3.65 16.09
CA THR A 219 -16.46 -3.68 15.79
C THR A 219 -16.86 -5.01 15.14
N ILE A 220 -16.01 -5.54 14.27
CA ILE A 220 -16.32 -6.81 13.63
C ILE A 220 -16.24 -7.96 14.63
N ALA A 221 -15.40 -7.84 15.66
CA ALA A 221 -15.30 -8.89 16.67
C ALA A 221 -16.39 -8.81 17.74
N ALA A 222 -16.91 -7.61 18.03
CA ALA A 222 -18.02 -7.46 18.97
C ALA A 222 -19.38 -7.58 18.31
N ASN A 223 -19.45 -7.88 17.01
CA ASN A 223 -20.69 -8.17 16.30
C ASN A 223 -20.44 -9.30 15.29
N SER A 224 -20.02 -10.46 15.80
CA SER A 224 -19.75 -11.62 14.95
C SER A 224 -20.44 -12.86 15.51
N VAL B 12 -37.98 30.50 12.66
CA VAL B 12 -39.42 30.49 12.92
C VAL B 12 -40.09 30.78 11.57
N GLU B 13 -39.29 31.26 10.62
CA GLU B 13 -39.71 31.58 9.25
C GLU B 13 -38.60 31.16 8.28
N VAL B 14 -38.28 29.86 8.30
CA VAL B 14 -37.25 29.31 7.40
C VAL B 14 -37.79 28.93 6.04
N CYS B 15 -39.12 28.87 5.90
CA CYS B 15 -39.76 28.46 4.65
C CYS B 15 -39.37 29.36 3.50
N SER B 16 -38.81 30.55 3.76
CA SER B 16 -38.35 31.40 2.67
C SER B 16 -36.87 31.22 2.37
N GLU B 17 -36.20 30.29 3.06
CA GLU B 17 -34.81 29.98 2.83
C GLU B 17 -34.66 29.01 1.68
N GLN B 18 -33.55 29.13 0.97
CA GLN B 18 -33.38 28.35 -0.24
C GLN B 18 -33.20 26.86 0.11
N ALA B 19 -33.48 26.01 -0.87
CA ALA B 19 -33.16 24.60 -0.73
C ALA B 19 -31.63 24.46 -0.82
N GLU B 20 -31.01 23.81 0.17
CA GLU B 20 -29.55 23.72 0.25
C GLU B 20 -29.08 22.27 0.26
N VAL B 21 -28.20 21.91 -0.68
CA VAL B 21 -27.66 20.54 -0.72
C VAL B 21 -26.68 20.31 0.43
N GLY B 22 -25.95 21.33 0.88
CA GLY B 22 -25.00 21.13 1.94
C GLY B 22 -23.65 20.61 1.46
N PRO B 23 -22.71 20.38 2.41
CA PRO B 23 -21.35 19.97 2.02
C PRO B 23 -21.24 18.48 1.72
N CYS B 24 -21.99 17.65 2.44
CA CYS B 24 -21.85 16.21 2.24
C CYS B 24 -22.49 15.79 0.92
N ARG B 25 -22.29 14.51 0.58
CA ARG B 25 -22.45 14.09 -0.81
C ARG B 25 -23.31 12.84 -0.96
N ALA B 26 -24.24 12.61 -0.04
CA ALA B 26 -25.22 11.59 -0.35
C ALA B 26 -26.20 12.13 -1.40
N ARG B 27 -27.15 11.30 -1.82
CA ARG B 27 -28.35 11.80 -2.47
C ARG B 27 -29.56 11.36 -1.65
N PHE B 28 -30.03 12.23 -0.77
CA PHE B 28 -31.30 12.05 -0.08
C PHE B 28 -32.38 12.82 -0.82
N SER B 29 -33.54 12.20 -0.97
CA SER B 29 -34.69 12.87 -1.56
C SER B 29 -35.40 13.56 -0.41
N ARG B 30 -35.43 14.89 -0.43
CA ARG B 30 -36.11 15.66 0.60
C ARG B 30 -37.04 16.68 -0.06
N TRP B 31 -37.71 17.47 0.76
CA TRP B 31 -38.68 18.46 0.29
C TRP B 31 -38.39 19.82 0.88
N TYR B 32 -38.58 20.85 0.07
CA TYR B 32 -38.49 22.22 0.53
C TYR B 32 -39.72 22.97 0.04
N PHE B 33 -40.06 24.03 0.75
CA PHE B 33 -41.21 24.85 0.40
C PHE B 33 -40.76 25.90 -0.59
N ASP B 34 -41.32 25.86 -1.81
CA ASP B 34 -40.97 26.81 -2.86
C ASP B 34 -41.82 28.07 -2.67
N VAL B 35 -41.18 29.17 -2.23
CA VAL B 35 -41.96 30.33 -1.83
C VAL B 35 -42.69 30.95 -3.01
N THR B 36 -42.18 30.76 -4.21
CA THR B 36 -42.68 31.51 -5.35
C THR B 36 -43.76 30.78 -6.15
N GLU B 37 -43.97 29.49 -5.93
CA GLU B 37 -45.06 28.76 -6.55
C GLU B 37 -46.07 28.26 -5.54
N GLY B 38 -45.90 28.61 -4.25
CA GLY B 38 -46.91 28.34 -3.25
C GLY B 38 -47.14 26.89 -2.93
N LYS B 39 -46.13 26.03 -3.17
CA LYS B 39 -46.18 24.61 -2.86
C LYS B 39 -44.77 24.13 -2.52
N CYS B 40 -44.69 22.92 -1.96
CA CYS B 40 -43.43 22.25 -1.76
C CYS B 40 -43.01 21.51 -3.03
N ALA B 41 -41.71 21.43 -3.22
CA ALA B 41 -41.05 20.75 -4.32
C ALA B 41 -39.91 19.89 -3.77
N PRO B 42 -39.43 18.92 -4.53
CA PRO B 42 -38.27 18.13 -4.07
C PRO B 42 -36.92 18.77 -4.42
N PHE B 43 -35.91 18.41 -3.63
CA PHE B 43 -34.53 18.77 -3.93
C PHE B 43 -33.60 17.70 -3.39
N VAL B 44 -32.37 17.68 -3.93
CA VAL B 44 -31.32 16.75 -3.52
C VAL B 44 -30.59 17.34 -2.31
N TYR B 45 -30.53 16.56 -1.22
CA TYR B 45 -29.89 16.95 0.03
C TYR B 45 -28.70 16.04 0.33
N GLY B 46 -27.55 16.66 0.62
CA GLY B 46 -26.33 15.90 0.81
C GLY B 46 -26.37 14.97 2.02
N GLY B 47 -27.17 15.29 3.02
CA GLY B 47 -27.22 14.47 4.21
C GLY B 47 -26.72 15.14 5.46
N CYS B 48 -26.27 16.39 5.36
CA CYS B 48 -25.48 17.05 6.37
C CYS B 48 -25.52 18.53 6.05
N GLY B 49 -25.70 19.36 7.08
CA GLY B 49 -25.71 20.81 6.86
C GLY B 49 -27.02 21.23 6.20
N GLY B 50 -27.03 22.44 5.67
CA GLY B 50 -28.18 22.99 5.00
C GLY B 50 -28.96 24.00 5.82
N ASN B 51 -30.29 24.01 5.68
CA ASN B 51 -31.14 24.90 6.48
C ASN B 51 -32.39 24.14 6.89
N ARG B 52 -33.26 24.81 7.63
CA ARG B 52 -34.43 24.12 8.15
C ARG B 52 -35.57 24.03 7.15
N ASN B 53 -35.42 24.58 5.94
CA ASN B 53 -36.47 24.42 4.93
C ASN B 53 -36.17 23.13 4.14
N ASN B 54 -36.37 22.02 4.85
CA ASN B 54 -35.91 20.68 4.51
C ASN B 54 -36.71 19.70 5.37
N PHE B 55 -37.49 18.82 4.73
CA PHE B 55 -38.42 17.95 5.44
C PHE B 55 -38.49 16.62 4.72
N ASP B 56 -38.86 15.59 5.49
CA ASP B 56 -38.86 14.23 4.97
C ASP B 56 -40.03 13.95 4.02
N THR B 57 -41.19 14.56 4.24
CA THR B 57 -42.31 14.27 3.37
C THR B 57 -42.84 15.57 2.78
N GLU B 58 -43.51 15.43 1.64
CA GLU B 58 -44.22 16.58 1.09
C GLU B 58 -45.31 17.04 2.03
N GLU B 59 -45.78 16.15 2.91
CA GLU B 59 -46.86 16.49 3.83
C GLU B 59 -46.38 17.23 5.07
N TYR B 60 -45.22 16.84 5.62
CA TYR B 60 -44.65 17.62 6.73
C TYR B 60 -44.30 19.03 6.27
N CYS B 61 -43.77 19.15 5.05
CA CYS B 61 -43.45 20.46 4.48
C CYS B 61 -44.71 21.35 4.38
N MET B 62 -45.81 20.81 3.84
CA MET B 62 -47.01 21.65 3.71
C MET B 62 -47.64 21.99 5.06
N ALA B 63 -47.58 21.06 6.01
CA ALA B 63 -48.09 21.33 7.35
C ALA B 63 -47.31 22.43 8.07
N VAL B 64 -46.03 22.62 7.74
CA VAL B 64 -45.25 23.68 8.40
C VAL B 64 -45.25 25.01 7.64
N CYS B 65 -45.28 25.00 6.33
CA CYS B 65 -45.35 26.24 5.59
C CYS B 65 -46.43 26.34 4.52
N GLY B 66 -47.41 25.43 4.47
CA GLY B 66 -48.50 25.56 3.50
C GLY B 66 -49.28 26.85 3.72
N SER B 67 -50.10 27.17 2.71
CA SER B 67 -50.84 28.44 2.69
C SER B 67 -52.27 28.25 3.17
N ILE C 1 21.22 -1.46 -6.24
CA ILE C 1 20.01 -1.05 -6.97
C ILE C 1 20.43 -0.42 -8.29
N VAL C 2 20.07 -1.03 -9.41
CA VAL C 2 20.42 -0.49 -10.72
C VAL C 2 19.18 0.15 -11.34
N GLY C 3 19.33 1.35 -11.88
CA GLY C 3 18.23 2.10 -12.43
C GLY C 3 17.44 2.91 -11.42
N GLY C 4 17.72 2.74 -10.13
CA GLY C 4 17.04 3.45 -9.07
C GLY C 4 17.51 4.88 -8.96
N TYR C 5 17.43 5.41 -7.74
CA TYR C 5 17.78 6.80 -7.47
C TYR C 5 18.30 6.81 -6.04
N THR C 6 18.96 7.89 -5.65
CA THR C 6 19.41 8.01 -4.27
C THR C 6 18.25 8.45 -3.37
N CYS C 7 18.00 7.70 -2.31
CA CYS C 7 16.98 8.00 -1.32
C CYS C 7 17.24 9.37 -0.69
N GLU C 8 16.20 9.97 -0.13
CA GLU C 8 16.42 11.17 0.65
C GLU C 8 17.10 10.74 1.94
N GLU C 9 18.10 11.51 2.37
CA GLU C 9 18.98 11.09 3.46
C GLU C 9 18.22 10.52 4.64
N ASN C 10 18.66 9.35 5.09
CA ASN C 10 17.83 8.24 5.58
C ASN C 10 16.42 8.58 6.07
N SER C 11 15.52 8.83 5.11
CA SER C 11 14.08 8.76 5.33
C SER C 11 13.58 7.32 5.44
N LEU C 12 14.49 6.33 5.33
CA LEU C 12 14.23 4.91 5.53
C LEU C 12 14.96 4.42 6.78
N PRO C 13 14.46 4.75 7.97
CA PRO C 13 15.19 4.43 9.20
C PRO C 13 15.27 2.95 9.53
N TYR C 14 14.67 2.06 8.74
CA TYR C 14 14.71 0.63 9.01
C TYR C 14 15.85 -0.04 8.29
N GLN C 15 16.44 0.65 7.32
CA GLN C 15 17.52 0.09 6.53
C GLN C 15 18.80 0.01 7.35
N VAL C 16 19.40 -1.18 7.37
CA VAL C 16 20.60 -1.50 8.13
C VAL C 16 21.52 -2.26 7.20
N SER C 17 22.83 -2.19 7.47
CA SER C 17 23.78 -2.96 6.70
C SER C 17 24.62 -3.87 7.60
N LEU C 18 24.97 -5.01 7.02
CA LEU C 18 25.76 -6.06 7.65
C LEU C 18 27.21 -5.99 7.15
N ASN C 19 28.16 -6.21 8.06
CA ASN C 19 29.58 -6.09 7.72
C ASN C 19 30.43 -7.15 8.40
N SER C 20 31.45 -7.60 7.67
CA SER C 20 32.56 -8.42 8.19
C SER C 20 33.78 -8.01 7.38
N GLY C 21 34.44 -6.93 7.80
CA GLY C 21 35.42 -6.29 6.96
C GLY C 21 34.83 -5.23 6.03
N SER C 22 34.02 -5.65 5.07
CA SER C 22 33.34 -4.75 4.16
C SER C 22 31.84 -5.02 4.23
N HIS C 23 31.06 -4.15 3.56
CA HIS C 23 29.60 -4.27 3.46
C HIS C 23 29.24 -5.42 2.54
N PHE C 24 28.63 -6.47 3.07
CA PHE C 24 28.28 -7.58 2.20
C PHE C 24 26.78 -7.81 2.01
N CYS C 25 25.91 -7.20 2.83
CA CYS C 25 24.46 -7.38 2.68
C CYS C 25 23.71 -6.24 3.37
N GLY C 26 22.39 -6.17 3.13
CA GLY C 26 21.50 -5.27 3.82
C GLY C 26 20.59 -6.00 4.81
N GLY C 27 19.83 -5.21 5.57
CA GLY C 27 18.86 -5.76 6.50
C GLY C 27 17.73 -4.80 6.85
N SER C 28 16.80 -5.26 7.69
CA SER C 28 15.68 -4.45 8.16
C SER C 28 15.49 -4.57 9.66
N LEU C 29 15.45 -3.44 10.36
CA LEU C 29 15.22 -3.46 11.79
C LEU C 29 13.72 -3.69 12.04
N ILE C 30 13.36 -4.88 12.57
CA ILE C 30 11.95 -5.20 12.83
C ILE C 30 11.60 -5.14 14.31
N SER C 31 12.58 -5.21 15.20
CA SER C 31 12.35 -4.93 16.61
C SER C 31 13.65 -4.41 17.19
N GLU C 32 13.53 -3.66 18.28
CA GLU C 32 14.66 -2.94 18.88
C GLU C 32 15.92 -3.79 18.95
N GLN C 33 15.77 -5.09 19.11
CA GLN C 33 16.87 -6.02 19.26
C GLN C 33 17.04 -6.95 18.07
N TRP C 34 16.23 -6.82 17.02
CA TRP C 34 16.21 -7.81 15.96
C TRP C 34 16.25 -7.20 14.57
N VAL C 35 16.86 -7.94 13.64
CA VAL C 35 16.97 -7.57 12.24
C VAL C 35 16.65 -8.80 11.40
N VAL C 36 16.07 -8.56 10.20
CA VAL C 36 15.78 -9.61 9.23
C VAL C 36 16.73 -9.44 8.06
N SER C 37 17.29 -10.55 7.60
CA SER C 37 18.17 -10.56 6.45
C SER C 37 17.86 -11.82 5.67
N ALA C 38 18.66 -12.06 4.63
CA ALA C 38 18.52 -13.27 3.83
C ALA C 38 19.44 -14.36 4.38
N ALA C 39 19.05 -15.61 4.18
CA ALA C 39 19.76 -16.70 4.82
C ALA C 39 21.13 -16.93 4.17
N HIS C 40 21.27 -16.59 2.89
CA HIS C 40 22.53 -16.73 2.18
C HIS C 40 23.53 -15.61 2.47
N CYS C 41 23.17 -14.66 3.35
CA CYS C 41 24.09 -13.68 3.90
C CYS C 41 24.71 -14.16 5.19
N TYR C 42 24.54 -15.44 5.52
CA TYR C 42 25.09 -15.92 6.76
C TYR C 42 26.60 -15.83 6.72
N LYS C 43 27.14 -15.33 7.81
CA LYS C 43 28.56 -15.32 8.10
C LYS C 43 28.55 -15.63 9.58
N THR C 44 29.45 -16.51 10.00
CA THR C 44 29.44 -16.99 11.37
C THR C 44 29.30 -15.87 12.40
N ARG C 45 29.47 -14.63 11.98
CA ARG C 45 29.75 -13.55 12.90
C ARG C 45 29.70 -12.21 12.15
N ILE C 46 28.72 -11.36 12.52
CA ILE C 46 28.34 -10.15 11.78
C ILE C 46 28.30 -8.91 12.66
N GLN C 47 28.69 -7.77 12.08
CA GLN C 47 28.49 -6.45 12.65
C GLN C 47 27.41 -5.69 11.87
N VAL C 48 26.39 -5.20 12.59
CA VAL C 48 25.28 -4.47 12.00
C VAL C 48 25.46 -2.99 12.27
N ARG C 49 25.41 -2.17 11.23
CA ARG C 49 25.33 -0.74 11.42
C ARG C 49 23.93 -0.25 11.06
N LEU C 50 23.50 0.79 11.76
CA LEU C 50 22.16 1.31 11.64
C LEU C 50 22.22 2.82 11.47
N GLY C 51 21.20 3.38 10.81
CA GLY C 51 21.11 4.81 10.63
C GLY C 51 22.02 5.41 9.58
N GLU C 52 22.48 4.64 8.60
CA GLU C 52 23.45 5.15 7.64
C GLU C 52 22.81 5.77 6.42
N HIS C 53 23.54 6.70 5.80
CA HIS C 53 23.19 7.17 4.47
C HIS C 53 24.36 7.01 3.52
N ASN C 54 25.53 7.51 3.90
CA ASN C 54 26.77 7.33 3.15
C ASN C 54 27.67 6.38 3.94
N ILE C 55 27.98 5.23 3.34
CA ILE C 55 28.71 4.18 4.06
C ILE C 55 30.14 4.61 4.38
N LYS C 56 30.80 5.39 3.51
CA LYS C 56 32.20 5.79 3.73
C LYS C 56 32.38 7.24 4.15
N VAL C 57 31.31 8.00 4.38
CA VAL C 57 31.42 9.31 5.02
C VAL C 57 30.31 9.41 6.07
N LEU C 58 30.68 9.22 7.34
CA LEU C 58 29.72 9.18 8.44
C LEU C 58 29.35 10.59 8.91
N GLU C 59 28.23 10.67 9.64
CA GLU C 59 27.86 11.90 10.32
C GLU C 59 27.97 11.83 11.84
N GLY C 60 28.17 10.63 12.40
CA GLY C 60 28.30 10.46 13.85
C GLY C 60 27.08 9.89 14.54
N ASN C 61 25.90 9.97 13.92
CA ASN C 61 24.66 9.53 14.55
C ASN C 61 24.36 8.08 14.26
N GLU C 62 25.27 7.38 13.58
CA GLU C 62 25.07 5.99 13.21
C GLU C 62 25.27 5.11 14.43
N GLN C 63 25.07 3.81 14.25
CA GLN C 63 25.18 2.85 15.33
C GLN C 63 25.76 1.55 14.82
N PHE C 64 26.88 1.13 15.39
CA PHE C 64 27.57 -0.12 15.06
C PHE C 64 27.26 -1.11 16.17
N ILE C 65 26.61 -2.22 15.85
CA ILE C 65 26.24 -3.19 16.88
C ILE C 65 26.49 -4.60 16.37
N ASN C 66 27.23 -5.37 17.15
CA ASN C 66 27.56 -6.74 16.80
C ASN C 66 26.36 -7.65 17.01
N ALA C 67 26.18 -8.59 16.09
CA ALA C 67 25.12 -9.58 16.23
C ALA C 67 25.42 -10.46 17.43
N ALA C 68 24.40 -10.70 18.26
CA ALA C 68 24.59 -11.59 19.39
C ALA C 68 24.06 -12.99 19.12
N LYS C 69 23.32 -13.18 18.03
CA LYS C 69 22.97 -14.49 17.51
C LYS C 69 22.36 -14.31 16.14
N ILE C 70 22.66 -15.22 15.24
CA ILE C 70 22.28 -15.14 13.83
C ILE C 70 21.66 -16.48 13.47
N ILE C 71 20.35 -16.48 13.22
CA ILE C 71 19.58 -17.70 13.05
C ILE C 71 19.11 -17.79 11.61
N ARG C 72 19.47 -18.89 10.95
CA ARG C 72 19.03 -19.19 9.60
C ARG C 72 17.77 -20.04 9.69
N HIS C 73 16.92 -19.92 8.69
CA HIS C 73 15.66 -20.67 8.72
C HIS C 73 15.97 -22.16 8.65
N PRO C 74 15.45 -22.97 9.59
CA PRO C 74 15.72 -24.41 9.62
C PRO C 74 15.64 -25.11 8.27
N LYS C 75 14.71 -24.68 7.42
CA LYS C 75 14.54 -25.29 6.12
C LYS C 75 15.19 -24.50 5.00
N TYR C 76 16.20 -23.69 5.32
CA TYR C 76 16.96 -23.03 4.27
C TYR C 76 17.71 -24.07 3.45
N ASN C 77 17.69 -23.90 2.14
CA ASN C 77 18.31 -24.84 1.22
C ASN C 77 19.29 -24.07 0.35
N ARG C 78 20.59 -24.36 0.51
CA ARG C 78 21.64 -23.64 -0.21
C ARG C 78 21.57 -23.90 -1.71
N ASP C 79 20.99 -25.02 -2.14
CA ASP C 79 20.90 -25.35 -3.56
C ASP C 79 19.71 -24.66 -4.23
N THR C 80 18.52 -24.81 -3.64
CA THR C 80 17.29 -24.25 -4.19
C THR C 80 17.04 -22.80 -3.80
N LEU C 81 17.76 -22.28 -2.81
CA LEU C 81 17.50 -20.97 -2.20
C LEU C 81 16.08 -20.89 -1.66
N ASP C 82 15.60 -22.02 -1.13
CA ASP C 82 14.27 -22.11 -0.50
C ASP C 82 14.38 -21.60 0.93
N ASN C 83 13.30 -20.96 1.39
CA ASN C 83 13.27 -20.31 2.70
C ASN C 83 14.52 -19.47 2.92
N ASP C 84 14.83 -18.61 1.96
CA ASP C 84 16.07 -17.85 2.01
C ASP C 84 15.85 -16.63 2.92
N ILE C 85 15.80 -16.90 4.22
CA ILE C 85 15.60 -15.84 5.21
C ILE C 85 16.31 -16.21 6.52
N MET C 86 16.69 -15.19 7.28
CA MET C 86 17.38 -15.38 8.55
C MET C 86 17.17 -14.14 9.40
N LEU C 87 17.28 -14.31 10.73
CA LEU C 87 17.24 -13.22 11.69
C LEU C 87 18.51 -13.08 12.49
N ILE C 88 18.76 -11.83 12.91
CA ILE C 88 19.96 -11.38 13.62
C ILE C 88 19.51 -10.66 14.88
N LYS C 89 20.11 -11.03 16.01
CA LYS C 89 19.87 -10.37 17.30
C LYS C 89 21.10 -9.55 17.64
N LEU C 90 20.87 -8.25 17.89
CA LEU C 90 21.97 -7.31 18.10
C LEU C 90 22.42 -7.38 19.55
N SER C 91 23.75 -7.34 19.77
CA SER C 91 24.28 -7.58 21.11
C SER C 91 23.76 -6.58 22.13
N SER C 92 23.36 -5.38 21.68
CA SER C 92 22.74 -4.39 22.55
C SER C 92 21.56 -3.81 21.79
N PRO C 93 20.41 -3.65 22.45
CA PRO C 93 19.24 -3.11 21.75
C PRO C 93 19.54 -1.77 21.10
N ALA C 94 18.95 -1.55 19.93
CA ALA C 94 19.19 -0.34 19.16
C ALA C 94 18.53 0.88 19.80
N VAL C 95 19.13 2.05 19.57
CA VAL C 95 18.53 3.31 19.97
C VAL C 95 17.55 3.74 18.90
N ILE C 96 16.26 3.82 19.24
CA ILE C 96 15.24 4.23 18.28
C ILE C 96 15.11 5.74 18.32
N ASN C 97 15.15 6.37 17.13
CA ASN C 97 15.14 7.82 16.99
C ASN C 97 14.76 8.16 15.55
N ALA C 98 14.99 9.43 15.17
CA ALA C 98 14.59 9.92 13.85
C ALA C 98 15.32 9.24 12.70
N ARG C 99 16.47 8.62 12.97
CA ARG C 99 17.30 8.00 11.93
C ARG C 99 17.42 6.48 12.05
N VAL C 100 16.97 5.89 13.15
CA VAL C 100 16.92 4.44 13.28
C VAL C 100 15.56 4.09 13.88
N SER C 101 14.78 3.29 13.15
CA SER C 101 13.43 2.95 13.59
C SER C 101 12.99 1.71 12.85
N THR C 102 11.95 1.07 13.36
CA THR C 102 11.62 -0.26 12.89
C THR C 102 10.62 -0.24 11.74
N ILE C 103 10.51 -1.37 11.05
CA ILE C 103 9.59 -1.54 9.93
C ILE C 103 8.60 -2.64 10.30
N SER C 104 7.32 -2.38 10.04
CA SER C 104 6.26 -3.30 10.45
C SER C 104 6.42 -4.63 9.74
N LEU C 105 6.04 -5.70 10.44
CA LEU C 105 5.88 -6.98 9.78
C LEU C 105 4.60 -6.97 8.93
N PRO C 106 4.56 -7.76 7.86
CA PRO C 106 3.41 -7.75 6.94
C PRO C 106 2.23 -8.52 7.49
N THR C 107 1.05 -7.92 7.41
CA THR C 107 -0.21 -8.50 7.84
C THR C 107 -0.98 -9.18 6.71
N ALA C 108 -0.49 -9.09 5.48
CA ALA C 108 -1.14 -9.70 4.32
C ALA C 108 -0.06 -9.95 3.27
N PRO C 109 -0.27 -10.89 2.36
CA PRO C 109 0.73 -11.14 1.29
C PRO C 109 0.86 -9.94 0.37
N PRO C 110 1.82 -9.93 -0.55
CA PRO C 110 1.98 -8.76 -1.44
C PRO C 110 1.00 -8.76 -2.61
N ALA C 111 0.20 -7.71 -2.69
CA ALA C 111 -0.78 -7.59 -3.77
C ALA C 111 -0.08 -7.28 -5.09
N ALA C 112 -0.46 -8.01 -6.14
CA ALA C 112 0.17 -7.84 -7.44
C ALA C 112 -0.24 -6.52 -8.08
N GLY C 113 0.74 -5.73 -8.50
CA GLY C 113 0.52 -4.39 -8.99
C GLY C 113 0.91 -3.31 -8.01
N THR C 114 1.09 -3.68 -6.75
CA THR C 114 1.47 -2.73 -5.71
C THR C 114 2.87 -2.18 -5.92
N GLU C 115 3.00 -0.86 -5.75
CA GLU C 115 4.29 -0.19 -5.82
C GLU C 115 5.03 -0.43 -4.52
N CYS C 116 6.32 -0.72 -4.63
CA CYS C 116 7.13 -1.03 -3.47
C CYS C 116 8.43 -0.25 -3.57
N LEU C 117 9.07 -0.09 -2.41
CA LEU C 117 10.33 0.61 -2.28
C LEU C 117 11.39 -0.41 -1.89
N ILE C 118 12.42 -0.52 -2.72
CA ILE C 118 13.55 -1.39 -2.44
C ILE C 118 14.79 -0.52 -2.33
N SER C 119 15.61 -0.82 -1.33
CA SER C 119 16.76 0.01 -1.04
C SER C 119 17.96 -0.90 -0.83
N GLY C 120 19.12 -0.30 -0.67
CA GLY C 120 20.34 -1.04 -0.42
C GLY C 120 21.50 -0.36 -1.10
N TRP C 121 22.69 -0.71 -0.64
CA TRP C 121 23.93 -0.12 -1.15
C TRP C 121 24.53 -1.01 -2.21
N GLY C 122 23.68 -1.61 -3.05
CA GLY C 122 24.10 -2.57 -4.04
C GLY C 122 24.64 -1.97 -5.31
N ASN C 123 25.21 -2.83 -6.14
CA ASN C 123 25.81 -2.37 -7.39
C ASN C 123 24.77 -1.65 -8.25
N THR C 124 25.20 -0.54 -8.85
CA THR C 124 24.41 0.38 -9.66
C THR C 124 24.37 0.01 -11.14
N LEU C 125 25.27 -0.83 -11.62
CA LEU C 125 25.26 -1.19 -13.04
C LEU C 125 25.03 -2.68 -13.23
N SER C 126 24.43 -2.98 -14.39
CA SER C 126 24.20 -4.36 -14.83
C SER C 126 25.43 -4.94 -15.50
N PHE C 127 26.23 -4.08 -16.12
CA PHE C 127 27.50 -4.45 -16.74
C PHE C 127 28.60 -3.72 -16.00
N GLY C 128 29.47 -4.47 -15.33
CA GLY C 128 30.51 -3.88 -14.51
C GLY C 128 30.06 -3.64 -13.07
N ALA C 129 30.75 -2.71 -12.43
CA ALA C 129 30.54 -2.46 -11.01
C ALA C 129 30.79 -1.00 -10.68
N ASP C 130 29.90 -0.46 -9.83
CA ASP C 130 30.04 0.86 -9.18
C ASP C 130 29.26 0.72 -7.89
N TYR C 131 29.97 0.38 -6.81
CA TYR C 131 29.31 0.22 -5.53
C TYR C 131 29.25 1.56 -4.84
N PRO C 132 28.06 2.15 -4.67
CA PRO C 132 27.97 3.53 -4.22
C PRO C 132 28.10 3.63 -2.72
N ASP C 133 28.35 4.85 -2.26
CA ASP C 133 28.33 5.10 -0.83
C ASP C 133 26.95 5.50 -0.31
N GLU C 134 26.13 6.21 -1.08
CA GLU C 134 24.82 6.63 -0.59
C GLU C 134 23.73 5.62 -0.91
N LEU C 135 22.90 5.33 0.09
CA LEU C 135 21.82 4.38 -0.06
C LEU C 135 20.97 4.79 -1.25
N LYS C 136 20.71 3.83 -2.12
CA LYS C 136 19.95 4.08 -3.34
C LYS C 136 18.59 3.42 -3.22
N CYS C 137 17.62 3.93 -4.00
CA CYS C 137 16.20 3.61 -3.88
C CYS C 137 15.62 3.22 -5.23
N LEU C 138 14.66 2.28 -5.19
CA LEU C 138 13.95 1.88 -6.39
C LEU C 138 12.45 1.72 -6.13
N ASP C 139 11.65 2.24 -7.05
CA ASP C 139 10.21 2.07 -7.01
C ASP C 139 9.83 1.08 -8.09
N ALA C 140 9.30 -0.08 -7.67
CA ALA C 140 9.02 -1.19 -8.57
C ALA C 140 7.82 -1.96 -8.03
N PRO C 141 7.03 -2.60 -8.91
CA PRO C 141 5.79 -3.27 -8.48
C PRO C 141 5.87 -4.79 -8.26
N VAL C 142 4.99 -5.31 -7.39
CA VAL C 142 4.76 -6.76 -7.28
C VAL C 142 4.23 -7.25 -8.62
N LEU C 143 4.68 -8.41 -9.07
CA LEU C 143 4.22 -9.04 -10.29
C LEU C 143 3.61 -10.41 -10.04
N THR C 144 2.91 -10.92 -11.06
CA THR C 144 2.08 -12.12 -10.98
C THR C 144 2.92 -13.39 -10.82
N GLN C 145 2.39 -14.34 -10.05
CA GLN C 145 3.09 -15.62 -9.88
C GLN C 145 3.14 -16.42 -11.17
N ALA C 146 2.41 -16.01 -12.21
CA ALA C 146 2.59 -16.53 -13.55
C ALA C 146 3.63 -15.74 -14.33
N GLU C 147 3.78 -14.44 -14.02
CA GLU C 147 4.87 -13.66 -14.61
C GLU C 147 6.21 -14.04 -13.99
N CYS C 148 6.23 -14.34 -12.70
CA CYS C 148 7.47 -14.73 -12.04
C CYS C 148 7.95 -16.09 -12.52
N LYS C 149 7.06 -17.07 -12.63
CA LYS C 149 7.52 -18.42 -12.99
C LYS C 149 7.83 -18.56 -14.47
N ALA C 150 7.33 -17.66 -15.33
CA ALA C 150 7.77 -17.64 -16.73
C ALA C 150 9.21 -17.14 -16.87
N SER C 151 9.59 -16.13 -16.07
CA SER C 151 10.92 -15.56 -16.16
C SER C 151 12.00 -16.56 -15.73
N TYR C 152 11.73 -17.35 -14.69
CA TYR C 152 12.70 -18.27 -14.10
C TYR C 152 12.11 -19.68 -13.99
N PRO C 153 12.03 -20.41 -15.10
CA PRO C 153 11.33 -21.71 -15.08
C PRO C 153 11.91 -22.67 -14.04
N GLY C 154 11.00 -23.33 -13.31
CA GLY C 154 11.29 -24.41 -12.38
C GLY C 154 12.04 -24.05 -11.10
N LYS C 155 12.42 -22.79 -10.88
CA LYS C 155 13.21 -22.44 -9.71
C LYS C 155 12.51 -21.46 -8.77
N ILE C 156 11.27 -21.07 -9.04
CA ILE C 156 10.48 -20.28 -8.09
C ILE C 156 9.83 -21.22 -7.10
N THR C 157 9.85 -20.87 -5.83
CA THR C 157 9.31 -21.71 -4.76
C THR C 157 8.25 -20.97 -3.95
N ASN C 158 7.60 -21.71 -3.05
CA ASN C 158 6.53 -21.14 -2.22
C ASN C 158 7.02 -19.99 -1.33
N SER C 159 8.34 -19.75 -1.26
CA SER C 159 8.97 -18.73 -0.43
C SER C 159 9.23 -17.43 -1.18
N MET C 160 8.99 -17.41 -2.48
CA MET C 160 9.49 -16.37 -3.36
C MET C 160 8.37 -15.65 -4.08
N PHE C 161 8.63 -14.41 -4.45
CA PHE C 161 7.79 -13.67 -5.38
C PHE C 161 8.70 -12.67 -6.11
N CYS C 162 8.25 -12.21 -7.27
CA CYS C 162 9.03 -11.32 -8.11
C CYS C 162 8.52 -9.88 -8.03
N VAL C 163 9.47 -8.97 -7.97
CA VAL C 163 9.27 -7.53 -8.02
C VAL C 163 10.23 -7.01 -9.08
N GLY C 164 9.77 -6.09 -9.91
CA GLY C 164 10.63 -5.44 -10.86
C GLY C 164 9.95 -5.27 -12.20
N PHE C 165 10.79 -5.04 -13.20
CA PHE C 165 10.33 -4.80 -14.56
C PHE C 165 10.84 -5.91 -15.45
N LEU C 166 9.95 -6.43 -16.30
CA LEU C 166 10.32 -7.38 -17.35
C LEU C 166 11.09 -6.69 -18.48
N GLU C 167 10.96 -5.37 -18.60
CA GLU C 167 11.74 -4.61 -19.57
C GLU C 167 13.23 -4.73 -19.30
N GLY C 168 13.61 -4.79 -18.03
CA GLY C 168 14.99 -4.70 -17.62
C GLY C 168 15.31 -3.27 -17.27
N GLY C 169 16.54 -3.07 -16.83
CA GLY C 169 17.04 -1.76 -16.47
C GLY C 169 16.77 -1.33 -15.05
N LYS C 170 15.85 -2.00 -14.35
CA LYS C 170 15.51 -1.67 -12.97
C LYS C 170 15.43 -2.96 -12.18
N ASP C 171 16.23 -3.03 -11.11
CA ASP C 171 16.39 -4.23 -10.29
C ASP C 171 17.22 -3.85 -9.07
N SER C 172 17.40 -4.81 -8.18
CA SER C 172 18.43 -4.76 -7.15
C SER C 172 19.64 -5.55 -7.64
N CYS C 173 20.80 -5.37 -6.98
CA CYS C 173 22.05 -5.98 -7.47
C CYS C 173 22.92 -6.42 -6.29
N GLN C 174 24.12 -6.93 -6.62
CA GLN C 174 25.03 -7.47 -5.60
C GLN C 174 25.34 -6.43 -4.54
N ARG C 175 25.27 -6.86 -3.29
CA ARG C 175 25.29 -6.09 -2.04
C ARG C 175 23.87 -5.68 -1.58
N ASP C 176 22.84 -5.76 -2.43
CA ASP C 176 21.52 -5.44 -1.93
C ASP C 176 20.92 -6.58 -1.11
N ALA C 177 21.32 -7.83 -1.39
CA ALA C 177 20.71 -9.00 -0.78
C ALA C 177 20.46 -8.77 0.70
N GLY C 178 19.30 -9.25 1.16
CA GLY C 178 18.90 -9.05 2.53
C GLY C 178 18.23 -7.72 2.78
N GLY C 179 18.31 -6.78 1.84
CA GLY C 179 17.72 -5.48 2.01
C GLY C 179 16.21 -5.54 1.91
N PRO C 180 15.55 -4.44 2.29
CA PRO C 180 14.09 -4.42 2.37
C PRO C 180 13.44 -4.07 1.05
N VAL C 181 12.25 -4.66 0.84
CA VAL C 181 11.25 -4.14 -0.09
C VAL C 181 9.99 -3.89 0.72
N VAL C 182 9.55 -2.63 0.77
CA VAL C 182 8.50 -2.22 1.67
C VAL C 182 7.34 -1.67 0.83
N CYS C 183 6.14 -2.22 1.03
CA CYS C 183 4.97 -1.82 0.26
C CYS C 183 3.94 -1.29 1.24
N ASN C 184 3.50 -0.05 1.01
CA ASN C 184 2.59 0.67 1.89
C ASN C 184 3.06 0.59 3.33
N GLY C 185 4.36 0.77 3.53
CA GLY C 185 4.80 0.90 4.89
C GLY C 185 4.86 -0.39 5.69
N GLN C 186 4.80 -1.55 5.04
CA GLN C 186 5.13 -2.79 5.73
C GLN C 186 6.12 -3.59 4.88
N LEU C 187 6.82 -4.50 5.53
CA LEU C 187 7.97 -5.15 4.91
C LEU C 187 7.52 -6.46 4.28
N GLN C 188 7.55 -6.53 2.97
CA GLN C 188 7.00 -7.66 2.24
C GLN C 188 8.04 -8.64 1.74
N GLY C 189 9.32 -8.25 1.70
CA GLY C 189 10.28 -9.13 1.07
C GLY C 189 11.71 -8.76 1.37
N VAL C 190 12.57 -9.72 1.12
CA VAL C 190 14.01 -9.57 1.33
C VAL C 190 14.69 -9.86 0.00
N VAL C 191 15.62 -8.98 -0.40
CA VAL C 191 16.35 -9.22 -1.66
C VAL C 191 17.04 -10.56 -1.56
N SER C 192 16.90 -11.38 -2.60
CA SER C 192 17.35 -12.76 -2.52
C SER C 192 18.26 -13.10 -3.71
N TRP C 193 17.71 -13.37 -4.90
CA TRP C 193 18.54 -13.83 -6.00
C TRP C 193 18.00 -13.34 -7.35
N GLY C 194 18.71 -13.72 -8.42
CA GLY C 194 18.36 -13.32 -9.77
C GLY C 194 19.41 -13.64 -10.82
N HIS C 195 18.99 -13.96 -12.04
CA HIS C 195 19.94 -14.21 -13.13
C HIS C 195 20.43 -12.89 -13.67
N GLY C 196 21.58 -12.43 -13.19
CA GLY C 196 22.10 -11.14 -13.58
C GLY C 196 21.44 -10.05 -12.77
N CYS C 197 21.70 -8.81 -13.19
CA CYS C 197 21.05 -7.63 -12.63
C CYS C 197 20.34 -6.89 -13.76
N ALA C 198 19.02 -6.80 -13.67
CA ALA C 198 18.22 -6.00 -14.59
C ALA C 198 18.48 -6.38 -16.04
N TRP C 199 18.50 -7.68 -16.29
CA TRP C 199 18.48 -8.15 -17.67
C TRP C 199 17.02 -8.24 -18.09
N LYS C 200 16.76 -8.40 -19.38
CA LYS C 200 15.38 -8.54 -19.84
C LYS C 200 14.79 -9.85 -19.34
N ASN C 201 13.53 -9.80 -18.87
CA ASN C 201 12.80 -10.98 -18.39
C ASN C 201 13.52 -11.65 -17.22
N ARG C 202 14.31 -10.90 -16.45
CA ARG C 202 15.04 -11.45 -15.31
C ARG C 202 14.87 -10.47 -14.16
N PRO C 203 13.73 -10.50 -13.50
CA PRO C 203 13.51 -9.58 -12.37
C PRO C 203 14.06 -10.15 -11.07
N GLY C 204 14.21 -9.28 -10.10
CA GLY C 204 14.66 -9.75 -8.80
C GLY C 204 13.62 -10.67 -8.18
N VAL C 205 14.11 -11.77 -7.60
CA VAL C 205 13.30 -12.70 -6.83
C VAL C 205 13.49 -12.35 -5.36
N TYR C 206 12.38 -12.22 -4.64
CA TYR C 206 12.41 -11.79 -3.26
C TYR C 206 11.78 -12.87 -2.39
N THR C 207 12.06 -12.78 -1.09
CA THR C 207 11.63 -13.80 -0.13
C THR C 207 10.40 -13.28 0.59
N LYS C 208 9.32 -14.03 0.47
CA LYS C 208 7.96 -13.64 0.91
C LYS C 208 7.87 -13.61 2.42
N VAL C 209 8.05 -12.42 3.01
CA VAL C 209 8.10 -12.29 4.46
C VAL C 209 6.80 -12.72 5.12
N TYR C 210 5.66 -12.53 4.45
CA TYR C 210 4.41 -12.88 5.10
C TYR C 210 4.38 -14.34 5.52
N ASN C 211 5.01 -15.24 4.75
CA ASN C 211 5.04 -16.66 5.08
C ASN C 211 5.84 -16.97 6.33
N TYR C 212 6.48 -15.99 6.95
CA TYR C 212 7.36 -16.22 8.07
C TYR C 212 7.05 -15.38 9.29
N VAL C 213 5.89 -14.75 9.37
CA VAL C 213 5.62 -13.88 10.51
C VAL C 213 5.48 -14.72 11.77
N ASP C 214 4.95 -15.95 11.62
CA ASP C 214 4.90 -16.86 12.75
C ASP C 214 6.31 -17.29 13.15
N TRP C 215 7.12 -17.70 12.17
CA TRP C 215 8.47 -18.15 12.48
C TRP C 215 9.29 -17.04 13.13
N ILE C 216 9.13 -15.79 12.66
CA ILE C 216 9.89 -14.68 13.23
C ILE C 216 9.44 -14.37 14.65
N LYS C 217 8.15 -14.52 14.94
CA LYS C 217 7.63 -14.10 16.24
C LYS C 217 7.83 -15.16 17.32
N ASP C 218 7.80 -16.44 16.94
CA ASP C 218 8.16 -17.49 17.90
C ASP C 218 9.65 -17.49 18.18
N THR C 219 10.48 -17.21 17.16
CA THR C 219 11.93 -17.18 17.33
C THR C 219 12.36 -16.02 18.24
N ILE C 220 11.71 -14.86 18.12
CA ILE C 220 12.02 -13.77 19.03
C ILE C 220 11.52 -14.09 20.43
N ALA C 221 10.48 -14.92 20.52
CA ALA C 221 9.95 -15.33 21.82
C ALA C 221 10.79 -16.43 22.47
N ALA C 222 11.53 -17.19 21.68
CA ALA C 222 12.38 -18.25 22.21
C ALA C 222 13.76 -17.75 22.66
N ASN C 223 14.00 -16.44 22.70
CA ASN C 223 15.21 -15.86 23.27
C ASN C 223 14.83 -14.60 24.06
N SER C 224 15.85 -13.90 24.56
CA SER C 224 15.62 -12.70 25.37
C SER C 224 16.46 -11.52 24.89
N VAL D 12 38.75 -31.65 -15.88
CA VAL D 12 37.82 -31.62 -14.76
C VAL D 12 38.31 -30.57 -13.75
N GLU D 13 39.55 -30.11 -13.94
CA GLU D 13 40.12 -29.08 -13.07
C GLU D 13 39.26 -27.83 -13.14
N VAL D 14 38.90 -27.30 -11.97
CA VAL D 14 38.06 -26.10 -11.93
C VAL D 14 38.86 -24.82 -12.13
N CYS D 15 40.19 -24.87 -12.04
CA CYS D 15 41.03 -23.68 -12.17
C CYS D 15 40.86 -22.97 -13.50
N SER D 16 40.35 -23.66 -14.53
CA SER D 16 40.14 -23.04 -15.82
C SER D 16 38.73 -22.50 -16.02
N GLU D 17 37.88 -22.60 -15.00
CA GLU D 17 36.51 -22.10 -15.05
C GLU D 17 36.47 -20.64 -14.61
N GLN D 18 35.63 -19.84 -15.29
CA GLN D 18 35.62 -18.40 -14.99
C GLN D 18 34.99 -18.12 -13.63
N ALA D 19 35.29 -16.94 -13.11
CA ALA D 19 34.69 -16.49 -11.86
C ALA D 19 33.20 -16.21 -12.05
N GLU D 20 32.38 -16.83 -11.22
CA GLU D 20 30.92 -16.76 -11.33
C GLU D 20 30.37 -16.08 -10.09
N VAL D 21 29.60 -14.99 -10.28
CA VAL D 21 29.00 -14.29 -9.15
C VAL D 21 27.93 -15.16 -8.53
N GLY D 22 27.29 -15.99 -9.34
CA GLY D 22 26.18 -16.77 -8.90
C GLY D 22 24.94 -15.90 -8.98
N PRO D 23 23.74 -16.48 -8.66
CA PRO D 23 22.50 -15.72 -8.79
C PRO D 23 22.26 -14.79 -7.62
N CYS D 24 22.72 -15.19 -6.45
CA CYS D 24 22.43 -14.42 -5.26
C CYS D 24 23.22 -13.13 -5.25
N ARG D 25 22.90 -12.31 -4.27
CA ARG D 25 23.17 -10.90 -4.39
C ARG D 25 23.85 -10.35 -3.14
N ALA D 26 24.56 -11.19 -2.40
CA ALA D 26 25.46 -10.59 -1.41
C ALA D 26 26.63 -10.00 -2.17
N ARG D 27 27.56 -9.37 -1.45
CA ARG D 27 28.90 -9.14 -1.98
C ARG D 27 29.88 -9.77 -1.00
N PHE D 28 30.28 -10.99 -1.27
CA PHE D 28 31.36 -11.67 -0.57
C PHE D 28 32.66 -11.54 -1.38
N SER D 29 33.76 -11.26 -0.69
CA SER D 29 35.09 -11.20 -1.32
C SER D 29 35.67 -12.60 -1.32
N ARG D 30 35.86 -13.16 -2.51
CA ARG D 30 36.43 -14.49 -2.62
C ARG D 30 37.59 -14.43 -3.63
N TRP D 31 38.20 -15.58 -3.88
CA TRP D 31 39.34 -15.67 -4.78
C TRP D 31 39.15 -16.78 -5.81
N TYR D 32 39.59 -16.52 -7.03
CA TYR D 32 39.62 -17.50 -8.10
C TYR D 32 41.01 -17.50 -8.74
N PHE D 33 41.34 -18.60 -9.41
CA PHE D 33 42.57 -18.69 -10.15
C PHE D 33 42.34 -18.20 -11.57
N ASP D 34 43.02 -17.13 -11.94
CA ASP D 34 42.96 -16.56 -13.27
C ASP D 34 43.98 -17.26 -14.15
N VAL D 35 43.51 -18.08 -15.10
CA VAL D 35 44.37 -19.01 -15.82
C VAL D 35 45.39 -18.32 -16.74
N THR D 36 45.09 -17.11 -17.22
CA THR D 36 45.89 -16.53 -18.29
C THR D 36 47.02 -15.62 -17.79
N GLU D 37 47.02 -15.25 -16.51
CA GLU D 37 48.16 -14.60 -15.87
C GLU D 37 48.77 -15.45 -14.75
N GLY D 38 48.31 -16.70 -14.59
CA GLY D 38 48.91 -17.67 -13.71
C GLY D 38 48.87 -17.42 -12.22
N LYS D 39 47.89 -16.65 -11.73
CA LYS D 39 47.77 -16.39 -10.30
C LYS D 39 46.30 -16.23 -9.93
N CYS D 40 46.05 -16.15 -8.62
CA CYS D 40 44.73 -15.88 -8.09
C CYS D 40 44.42 -14.39 -8.03
N ALA D 41 43.16 -14.05 -8.28
CA ALA D 41 42.64 -12.70 -8.25
C ALA D 41 41.33 -12.68 -7.47
N PRO D 42 40.92 -11.53 -6.95
CA PRO D 42 39.64 -11.46 -6.24
C PRO D 42 38.49 -11.32 -7.22
N PHE D 43 37.31 -11.74 -6.75
CA PHE D 43 36.08 -11.51 -7.51
C PHE D 43 34.92 -11.34 -6.56
N VAL D 44 33.84 -10.76 -7.07
CA VAL D 44 32.62 -10.58 -6.30
C VAL D 44 31.81 -11.87 -6.44
N TYR D 45 31.46 -12.49 -5.31
CA TYR D 45 30.68 -13.72 -5.28
C TYR D 45 29.34 -13.49 -4.60
N GLY D 46 28.25 -13.89 -5.26
CA GLY D 46 26.90 -13.62 -4.78
C GLY D 46 26.57 -14.26 -3.45
N GLY D 47 27.24 -15.37 -3.11
CA GLY D 47 26.97 -16.07 -1.87
C GLY D 47 26.42 -17.47 -2.05
N CYS D 48 26.28 -17.89 -3.30
CA CYS D 48 25.38 -18.97 -3.63
C CYS D 48 25.67 -19.49 -5.03
N GLY D 49 25.77 -20.80 -5.20
CA GLY D 49 25.95 -21.21 -6.59
C GLY D 49 27.36 -20.89 -7.05
N GLY D 50 27.54 -20.88 -8.36
CA GLY D 50 28.86 -20.60 -8.93
C GLY D 50 29.57 -21.87 -9.33
N ASN D 51 30.88 -21.92 -9.15
CA ASN D 51 31.66 -23.11 -9.41
C ASN D 51 32.70 -23.26 -8.30
N ARG D 52 33.52 -24.30 -8.39
CA ARG D 52 34.46 -24.55 -7.31
C ARG D 52 35.74 -23.73 -7.42
N ASN D 53 35.94 -22.95 -8.47
CA ASN D 53 37.13 -22.11 -8.52
C ASN D 53 36.74 -20.82 -7.81
N ASN D 54 36.73 -20.94 -6.48
CA ASN D 54 36.12 -19.96 -5.60
C ASN D 54 36.67 -20.25 -4.22
N PHE D 55 37.40 -19.30 -3.64
CA PHE D 55 38.06 -19.61 -2.38
C PHE D 55 38.08 -18.36 -1.51
N ASP D 56 38.15 -18.61 -0.21
CA ASP D 56 38.07 -17.57 0.81
C ASP D 56 39.37 -16.79 0.95
N THR D 57 40.53 -17.41 0.70
CA THR D 57 41.82 -16.70 0.75
C THR D 57 42.61 -16.93 -0.53
N GLU D 58 43.47 -15.97 -0.87
CA GLU D 58 44.39 -16.17 -2.00
C GLU D 58 45.35 -17.36 -1.77
N GLU D 59 45.60 -17.76 -0.52
CA GLU D 59 46.54 -18.85 -0.26
C GLU D 59 45.91 -20.21 -0.52
N TYR D 60 44.67 -20.40 -0.10
CA TYR D 60 43.96 -21.63 -0.41
C TYR D 60 43.80 -21.79 -1.91
N CYS D 61 43.53 -20.68 -2.60
CA CYS D 61 43.44 -20.71 -4.05
C CYS D 61 44.77 -21.13 -4.68
N MET D 62 45.88 -20.54 -4.22
CA MET D 62 47.18 -20.89 -4.80
C MET D 62 47.56 -22.33 -4.50
N ALA D 63 47.21 -22.83 -3.32
CA ALA D 63 47.48 -24.21 -2.96
C ALA D 63 46.71 -25.20 -3.83
N VAL D 64 45.54 -24.82 -4.36
CA VAL D 64 44.80 -25.72 -5.23
C VAL D 64 45.13 -25.51 -6.71
N CYS D 65 45.44 -24.27 -7.13
CA CYS D 65 45.69 -24.00 -8.55
C CYS D 65 47.00 -23.28 -8.87
N GLY D 66 47.84 -23.01 -7.88
CA GLY D 66 49.10 -22.32 -8.11
C GLY D 66 50.15 -23.03 -8.94
N SER D 67 51.35 -22.46 -8.92
CA SER D 67 52.50 -22.92 -9.71
C SER D 67 53.33 -24.01 -9.02
C1 EDO E . -32.06 7.04 -9.16
O1 EDO E . -31.24 7.50 -10.26
C2 EDO E . -31.79 5.56 -8.90
O2 EDO E . -32.28 5.16 -7.61
#